data_4B9F
#
_entry.id   4B9F
#
_cell.length_a   54.939
_cell.length_b   58.868
_cell.length_c   87.525
_cell.angle_alpha   90.00
_cell.angle_beta   90.00
_cell.angle_gamma   90.00
#
_symmetry.space_group_name_H-M   'P 2 21 21'
#
loop_
_entity.id
_entity.type
_entity.pdbx_description
1 polymer 'CELLULOSOMAL-SCAFFOLDING PROTEIN A'
2 non-polymer 'CALCIUM ION'
3 non-polymer 'SULFATE ION'
4 water water
#
_entity_poly.entity_id   1
_entity_poly.type   'polypeptide(L)'
_entity_poly.pdbx_seq_one_letter_code
;NLKVEFYNSNPSDTTNSINPQFKVTNTGSSAIDLSKLTLRYYYTVDGQKDQTFWCDHAAIIGSNGSYNGITSNVKGTFVK
MSSSTNNADTYLEISFTGGTLEPGAHVQIQGRFAKNDWSNYTQSNDYSFKSASQFVEWDQVTAYLNGVLVWG
;
_entity_poly.pdbx_strand_id   A,B
#
loop_
_chem_comp.id
_chem_comp.type
_chem_comp.name
_chem_comp.formula
CA non-polymer 'CALCIUM ION' 'Ca 2'
SO4 non-polymer 'SULFATE ION' 'O4 S -2'
#
# COMPACT_ATOMS: atom_id res chain seq x y z
N ASN A 1 23.87 -14.81 10.50
CA ASN A 1 22.71 -15.58 10.93
C ASN A 1 21.48 -14.69 10.98
N LEU A 2 20.54 -14.95 10.08
CA LEU A 2 19.32 -14.15 10.06
C LEU A 2 18.07 -14.97 9.77
N LYS A 3 16.94 -14.42 10.18
CA LYS A 3 15.63 -14.99 9.93
C LYS A 3 14.86 -14.02 9.05
N VAL A 4 14.13 -14.54 8.07
CA VAL A 4 13.32 -13.70 7.20
C VAL A 4 11.87 -14.12 7.31
N GLU A 5 11.00 -13.15 7.55
CA GLU A 5 9.56 -13.38 7.55
C GLU A 5 8.97 -12.46 6.49
N PHE A 6 7.81 -12.82 5.98
CA PHE A 6 7.30 -12.20 4.78
C PHE A 6 5.80 -12.36 4.65
N TYR A 7 5.15 -11.39 4.01
CA TYR A 7 3.81 -11.60 3.44
C TYR A 7 3.51 -10.50 2.44
N ASN A 8 2.53 -10.75 1.57
CA ASN A 8 2.00 -9.71 0.67
C ASN A 8 0.78 -9.09 1.34
N SER A 9 0.78 -7.76 1.45
CA SER A 9 -0.33 -7.13 2.18
C SER A 9 -1.63 -7.11 1.38
N ASN A 10 -1.53 -7.06 0.05
CA ASN A 10 -2.71 -7.05 -0.79
C ASN A 10 -2.80 -8.33 -1.61
N PRO A 11 -3.81 -9.16 -1.30
CA PRO A 11 -3.85 -10.51 -1.90
C PRO A 11 -4.65 -10.64 -3.19
N SER A 12 -5.23 -9.57 -3.72
CA SER A 12 -6.03 -9.66 -4.94
C SER A 12 -5.23 -10.26 -6.09
N ASP A 13 -5.82 -11.18 -6.83
CA ASP A 13 -5.11 -11.82 -7.92
C ASP A 13 -4.70 -10.80 -8.99
N THR A 14 -5.63 -9.95 -9.39
CA THR A 14 -5.35 -8.90 -10.35
C THR A 14 -5.14 -7.59 -9.59
N THR A 15 -4.00 -6.96 -9.82
CA THR A 15 -3.67 -5.75 -9.09
C THR A 15 -2.68 -4.91 -9.88
N ASN A 16 -2.73 -3.59 -9.72
CA ASN A 16 -1.71 -2.75 -10.36
C ASN A 16 -0.54 -2.40 -9.44
N SER A 17 -0.52 -3.00 -8.26
N SER A 17 -0.55 -2.94 -8.23
CA SER A 17 0.47 -2.70 -7.23
CA SER A 17 0.56 -2.74 -7.32
C SER A 17 0.82 -3.92 -6.39
C SER A 17 0.82 -4.04 -6.57
N ILE A 18 2.10 -4.32 -6.38
CA ILE A 18 2.54 -5.46 -5.58
C ILE A 18 3.22 -4.91 -4.33
N ASN A 19 2.91 -5.49 -3.18
CA ASN A 19 3.29 -4.93 -1.89
C ASN A 19 3.98 -5.95 -1.00
N PRO A 20 5.25 -6.25 -1.29
CA PRO A 20 5.99 -7.23 -0.48
C PRO A 20 6.34 -6.63 0.88
N GLN A 21 6.01 -7.35 1.95
CA GLN A 21 6.37 -6.94 3.31
C GLN A 21 7.43 -7.89 3.85
N PHE A 22 8.61 -7.36 4.20
CA PHE A 22 9.69 -8.17 4.73
C PHE A 22 9.99 -7.79 6.17
N LYS A 23 10.35 -8.78 6.98
CA LYS A 23 10.92 -8.51 8.30
C LYS A 23 12.13 -9.41 8.49
N VAL A 24 13.29 -8.79 8.70
CA VAL A 24 14.53 -9.54 8.79
C VAL A 24 15.11 -9.36 10.17
N THR A 25 15.37 -10.46 10.87
CA THR A 25 15.85 -10.41 12.24
C THR A 25 17.26 -11.00 12.32
N ASN A 26 18.15 -10.29 13.02
CA ASN A 26 19.50 -10.80 13.25
C ASN A 26 19.49 -11.72 14.45
N THR A 27 19.61 -13.02 14.20
CA THR A 27 19.56 -14.02 15.25
C THR A 27 20.96 -14.51 15.64
N GLY A 28 21.98 -13.85 15.09
CA GLY A 28 23.36 -14.22 15.35
C GLY A 28 23.98 -13.41 16.47
N SER A 29 25.30 -13.51 16.60
CA SER A 29 26.00 -12.91 17.73
C SER A 29 26.68 -11.60 17.36
N SER A 30 26.72 -11.28 16.07
CA SER A 30 27.41 -10.08 15.62
C SER A 30 26.54 -9.24 14.72
N ALA A 31 26.84 -7.96 14.64
CA ALA A 31 26.10 -7.03 13.79
C ALA A 31 26.22 -7.37 12.31
N ILE A 32 25.19 -7.00 11.56
CA ILE A 32 25.14 -7.16 10.11
C ILE A 32 25.10 -5.78 9.47
N ASP A 33 25.93 -5.59 8.44
CA ASP A 33 25.99 -4.36 7.67
C ASP A 33 24.86 -4.38 6.64
N LEU A 34 23.84 -3.54 6.84
CA LEU A 34 22.69 -3.53 5.93
C LEU A 34 23.05 -3.11 4.52
N SER A 35 24.13 -2.33 4.36
CA SER A 35 24.54 -1.92 3.02
C SER A 35 24.97 -3.11 2.17
N LYS A 36 25.18 -4.26 2.82
CA LYS A 36 25.54 -5.48 2.12
C LYS A 36 24.39 -6.48 1.97
N LEU A 37 23.22 -6.16 2.54
CA LEU A 37 22.09 -7.07 2.55
C LEU A 37 21.17 -6.82 1.36
N THR A 38 20.83 -7.88 0.64
CA THR A 38 19.82 -7.76 -0.40
C THR A 38 18.73 -8.81 -0.21
N LEU A 39 17.51 -8.47 -0.63
CA LEU A 39 16.35 -9.34 -0.52
C LEU A 39 15.74 -9.49 -1.90
N ARG A 40 15.25 -10.67 -2.24
CA ARG A 40 14.65 -10.89 -3.55
C ARG A 40 13.23 -11.37 -3.45
N TYR A 41 12.36 -10.73 -4.25
CA TYR A 41 10.97 -11.12 -4.41
C TYR A 41 10.76 -11.50 -5.87
N TYR A 42 10.47 -12.78 -6.12
CA TYR A 42 10.39 -13.32 -7.47
C TYR A 42 8.96 -13.36 -7.98
N TYR A 43 8.77 -12.99 -9.24
CA TYR A 43 7.43 -12.94 -9.80
C TYR A 43 7.49 -12.96 -11.32
N THR A 44 6.32 -13.01 -11.95
CA THR A 44 6.21 -12.89 -13.39
C THR A 44 5.60 -11.53 -13.71
N VAL A 45 6.26 -10.78 -14.58
CA VAL A 45 5.88 -9.39 -14.84
C VAL A 45 4.54 -9.24 -15.58
N ASP A 46 4.12 -10.27 -16.32
CA ASP A 46 2.86 -10.28 -17.07
C ASP A 46 2.77 -9.12 -18.07
N GLY A 47 3.74 -9.06 -18.97
CA GLY A 47 3.83 -7.98 -19.94
C GLY A 47 4.90 -7.01 -19.49
N GLN A 48 6.07 -7.10 -20.13
CA GLN A 48 7.21 -6.29 -19.72
C GLN A 48 6.91 -4.80 -19.91
N LYS A 49 7.13 -4.04 -18.85
CA LYS A 49 6.98 -2.59 -18.83
C LYS A 49 8.00 -2.07 -17.84
N ASP A 50 8.38 -0.79 -17.97
CA ASP A 50 9.18 -0.15 -16.94
C ASP A 50 8.43 -0.21 -15.62
N GLN A 51 9.17 -0.44 -14.54
CA GLN A 51 8.59 -0.54 -13.21
C GLN A 51 9.34 0.37 -12.25
N THR A 52 8.68 0.72 -11.14
CA THR A 52 9.30 1.55 -10.10
C THR A 52 8.94 0.98 -8.74
N PHE A 53 9.91 1.04 -7.83
CA PHE A 53 9.75 0.62 -6.43
C PHE A 53 9.79 1.81 -5.50
N TRP A 54 8.92 1.80 -4.50
CA TRP A 54 9.02 2.74 -3.40
C TRP A 54 8.82 1.98 -2.10
N CYS A 55 9.51 2.38 -1.04
CA CYS A 55 9.21 1.83 0.27
C CYS A 55 8.21 2.75 0.99
N ASP A 56 7.06 2.20 1.41
CA ASP A 56 6.05 2.96 2.16
C ASP A 56 6.57 3.31 3.55
N HIS A 57 7.31 2.38 4.15
CA HIS A 57 7.73 2.51 5.53
C HIS A 57 8.78 1.44 5.80
N ALA A 58 9.89 1.85 6.41
CA ALA A 58 10.86 0.88 6.92
C ALA A 58 11.47 1.41 8.20
N ALA A 59 11.78 0.50 9.12
CA ALA A 59 12.40 0.90 10.36
C ALA A 59 13.25 -0.21 10.91
N ILE A 60 14.33 0.20 11.58
CA ILE A 60 15.15 -0.74 12.35
C ILE A 60 14.72 -0.65 13.80
N ILE A 61 14.32 -1.79 14.35
CA ILE A 61 13.85 -1.86 15.72
C ILE A 61 14.91 -2.59 16.55
N GLY A 62 15.44 -1.90 17.56
CA GLY A 62 16.48 -2.48 18.38
C GLY A 62 15.95 -3.55 19.30
N SER A 63 16.85 -4.27 19.93
CA SER A 63 16.45 -5.34 20.85
C SER A 63 15.65 -4.82 22.06
N ASN A 64 15.85 -3.54 22.38
N ASN A 64 15.86 -3.55 22.41
CA ASN A 64 15.15 -2.91 23.50
CA ASN A 64 15.13 -2.95 23.52
C ASN A 64 13.88 -2.21 23.05
C ASN A 64 13.96 -2.10 23.02
N GLY A 65 13.63 -2.25 21.75
CA GLY A 65 12.47 -1.60 21.17
C GLY A 65 12.71 -0.22 20.60
N SER A 66 13.97 0.20 20.51
CA SER A 66 14.27 1.50 19.92
C SER A 66 13.77 1.53 18.47
N TYR A 67 13.39 2.72 18.02
CA TYR A 67 12.85 2.91 16.68
C TYR A 67 13.74 3.83 15.87
N ASN A 68 14.22 3.34 14.74
N ASN A 68 14.28 3.31 14.76
CA ASN A 68 14.98 4.16 13.82
CA ASN A 68 14.98 4.13 13.78
C ASN A 68 14.38 4.06 12.42
C ASN A 68 14.30 4.02 12.44
N GLY A 69 13.67 5.11 12.00
CA GLY A 69 13.05 5.13 10.69
C GLY A 69 14.09 5.23 9.60
N ILE A 70 14.00 4.35 8.60
CA ILE A 70 14.99 4.29 7.52
C ILE A 70 14.33 4.18 6.15
N THR A 71 13.10 4.66 6.03
CA THR A 71 12.33 4.48 4.81
C THR A 71 13.06 4.89 3.53
N SER A 72 13.69 6.05 3.57
N SER A 72 13.68 6.06 3.55
CA SER A 72 14.37 6.59 2.40
CA SER A 72 14.35 6.57 2.35
C SER A 72 15.74 5.97 2.14
C SER A 72 15.67 5.86 2.05
N ASN A 73 16.12 4.99 2.95
CA ASN A 73 17.36 4.25 2.74
C ASN A 73 17.13 2.93 1.99
N VAL A 74 15.87 2.62 1.73
CA VAL A 74 15.51 1.34 1.10
C VAL A 74 15.35 1.52 -0.41
N LYS A 75 16.21 0.84 -1.16
CA LYS A 75 16.23 0.94 -2.61
C LYS A 75 15.65 -0.31 -3.24
N GLY A 76 15.09 -0.16 -4.43
CA GLY A 76 14.57 -1.29 -5.18
C GLY A 76 15.00 -1.24 -6.62
N THR A 77 15.42 -2.39 -7.14
N THR A 77 15.45 -2.38 -7.13
CA THR A 77 15.83 -2.54 -8.52
CA THR A 77 15.76 -2.54 -8.54
C THR A 77 15.17 -3.78 -9.10
C THR A 77 14.82 -3.58 -9.12
N PHE A 78 14.95 -3.80 -10.42
CA PHE A 78 14.28 -4.92 -11.06
C PHE A 78 15.26 -5.68 -11.91
N VAL A 79 15.32 -6.99 -11.68
CA VAL A 79 16.28 -7.84 -12.37
C VAL A 79 15.57 -8.94 -13.15
N LYS A 80 15.82 -8.99 -14.46
CA LYS A 80 15.25 -10.06 -15.28
C LYS A 80 16.01 -11.36 -15.07
N MET A 81 15.28 -12.46 -15.00
CA MET A 81 15.90 -13.78 -15.00
C MET A 81 16.04 -14.24 -16.43
N SER A 82 17.26 -14.56 -16.85
CA SER A 82 17.47 -14.84 -18.26
C SER A 82 16.86 -16.19 -18.66
N SER A 83 16.74 -17.09 -17.69
CA SER A 83 16.01 -18.33 -17.90
C SER A 83 14.82 -18.35 -16.93
N SER A 84 13.64 -18.03 -17.44
CA SER A 84 12.48 -17.93 -16.57
C SER A 84 11.88 -19.27 -16.25
N THR A 85 11.17 -19.32 -15.12
CA THR A 85 10.35 -20.45 -14.77
C THR A 85 8.88 -20.06 -14.95
N ASN A 86 7.98 -21.01 -14.73
CA ASN A 86 6.55 -20.74 -14.91
C ASN A 86 6.03 -19.66 -13.99
N ASN A 87 6.68 -19.47 -12.85
N ASN A 87 6.71 -19.47 -12.86
CA ASN A 87 6.24 -18.46 -11.90
CA ASN A 87 6.26 -18.50 -11.86
C ASN A 87 7.30 -17.45 -11.51
C ASN A 87 7.29 -17.44 -11.51
N ALA A 88 8.37 -17.37 -12.28
CA ALA A 88 9.39 -16.35 -12.02
C ALA A 88 10.12 -15.96 -13.29
N ASP A 89 10.00 -14.71 -13.70
CA ASP A 89 10.83 -14.18 -14.78
C ASP A 89 11.59 -12.92 -14.38
N THR A 90 11.30 -12.42 -13.18
CA THR A 90 11.86 -11.17 -12.69
C THR A 90 11.99 -11.28 -11.18
N TYR A 91 12.94 -10.58 -10.59
CA TYR A 91 12.81 -10.28 -9.17
C TYR A 91 13.00 -8.82 -8.87
N LEU A 92 12.27 -8.37 -7.87
CA LEU A 92 12.61 -7.13 -7.20
C LEU A 92 13.74 -7.43 -6.24
N GLU A 93 14.80 -6.64 -6.33
CA GLU A 93 15.87 -6.72 -5.37
C GLU A 93 15.82 -5.50 -4.48
N ILE A 94 15.63 -5.73 -3.18
CA ILE A 94 15.64 -4.67 -2.19
C ILE A 94 17.04 -4.58 -1.61
N SER A 95 17.55 -3.36 -1.51
CA SER A 95 18.85 -3.10 -0.91
C SER A 95 18.77 -1.87 -0.01
N PHE A 96 19.88 -1.55 0.65
CA PHE A 96 19.91 -0.50 1.67
C PHE A 96 21.12 0.38 1.46
N THR A 97 20.93 1.68 1.64
CA THR A 97 22.02 2.63 1.47
C THR A 97 23.01 2.60 2.62
N GLY A 98 22.57 2.07 3.76
CA GLY A 98 23.40 2.02 4.94
C GLY A 98 22.62 1.47 6.10
N GLY A 99 23.22 1.49 7.29
CA GLY A 99 22.57 0.98 8.48
C GLY A 99 23.20 -0.31 8.98
N THR A 100 22.90 -0.62 10.24
CA THR A 100 23.47 -1.77 10.90
C THR A 100 22.35 -2.48 11.64
N LEU A 101 22.31 -3.80 11.50
CA LEU A 101 21.34 -4.62 12.20
C LEU A 101 22.06 -5.36 13.32
N GLU A 102 21.88 -4.89 14.55
CA GLU A 102 22.54 -5.47 15.72
C GLU A 102 21.96 -6.83 16.07
N PRO A 103 22.70 -7.64 16.83
CA PRO A 103 22.11 -8.91 17.30
C PRO A 103 20.80 -8.65 18.04
N GLY A 104 19.75 -9.38 17.67
CA GLY A 104 18.46 -9.24 18.32
C GLY A 104 17.59 -8.13 17.75
N ALA A 105 18.15 -7.33 16.84
CA ALA A 105 17.38 -6.27 16.18
C ALA A 105 16.70 -6.81 14.94
N HIS A 106 15.67 -6.12 14.47
CA HIS A 106 15.06 -6.47 13.19
C HIS A 106 14.82 -5.24 12.35
N VAL A 107 14.71 -5.45 11.04
CA VAL A 107 14.32 -4.38 10.13
C VAL A 107 13.05 -4.81 9.42
N GLN A 108 12.09 -3.90 9.38
CA GLN A 108 10.81 -4.16 8.72
C GLN A 108 10.71 -3.26 7.51
N ILE A 109 10.31 -3.83 6.38
CA ILE A 109 10.24 -3.12 5.10
C ILE A 109 8.88 -3.33 4.46
N GLN A 110 8.17 -2.23 4.23
CA GLN A 110 6.87 -2.29 3.59
C GLN A 110 7.05 -1.76 2.18
N GLY A 111 7.27 -2.68 1.25
CA GLY A 111 7.62 -2.32 -0.12
C GLY A 111 6.43 -2.21 -1.04
N ARG A 112 6.61 -1.54 -2.16
CA ARG A 112 5.53 -1.36 -3.11
C ARG A 112 6.13 -1.15 -4.49
N PHE A 113 5.54 -1.77 -5.50
CA PHE A 113 5.98 -1.49 -6.86
C PHE A 113 4.85 -1.56 -7.86
N ALA A 114 5.05 -0.88 -8.99
CA ALA A 114 4.05 -0.81 -10.04
C ALA A 114 4.71 -0.60 -11.38
N LYS A 115 3.98 -0.92 -12.43
CA LYS A 115 4.40 -0.57 -13.78
C LYS A 115 4.17 0.91 -13.99
N ASN A 116 5.00 1.54 -14.80
CA ASN A 116 4.92 2.99 -14.95
C ASN A 116 3.62 3.44 -15.62
N ASP A 117 2.95 2.53 -16.32
CA ASP A 117 1.65 2.83 -16.93
C ASP A 117 0.48 2.34 -16.06
N TRP A 118 0.80 1.82 -14.88
CA TRP A 118 -0.21 1.38 -13.92
C TRP A 118 -1.11 0.25 -14.43
N SER A 119 -0.57 -0.53 -15.37
CA SER A 119 -1.27 -1.70 -15.90
C SER A 119 -1.19 -2.88 -14.92
N ASN A 120 -1.97 -3.91 -15.18
CA ASN A 120 -2.16 -4.96 -14.19
C ASN A 120 -1.11 -6.05 -14.15
N TYR A 121 -0.94 -6.58 -12.94
CA TYR A 121 -0.23 -7.83 -12.68
C TYR A 121 -1.24 -8.90 -12.29
N THR A 122 -0.80 -10.14 -12.42
CA THR A 122 -1.51 -11.31 -11.91
C THR A 122 -0.63 -11.94 -10.85
N GLN A 123 -1.14 -12.11 -9.63
CA GLN A 123 -0.28 -12.60 -8.55
C GLN A 123 -0.23 -14.12 -8.42
N SER A 124 -1.18 -14.81 -9.05
CA SER A 124 -1.30 -16.26 -8.89
C SER A 124 -0.15 -17.01 -9.56
N ASN A 125 0.59 -16.34 -10.44
CA ASN A 125 1.73 -16.96 -11.12
C ASN A 125 3.06 -16.33 -10.68
N ASP A 126 3.12 -15.91 -9.42
CA ASP A 126 4.33 -15.31 -8.84
C ASP A 126 4.91 -16.20 -7.74
N TYR A 127 6.13 -16.69 -7.96
CA TYR A 127 6.77 -17.62 -7.03
C TYR A 127 6.77 -17.14 -5.57
N SER A 128 7.10 -15.87 -5.34
CA SER A 128 7.26 -15.39 -3.97
C SER A 128 5.96 -14.98 -3.28
N PHE A 129 4.86 -14.91 -4.01
CA PHE A 129 3.61 -14.40 -3.44
C PHE A 129 3.16 -15.26 -2.27
N LYS A 130 2.80 -14.61 -1.17
CA LYS A 130 2.31 -15.29 0.03
C LYS A 130 1.22 -14.46 0.68
N SER A 131 -0.02 -14.91 0.59
CA SER A 131 -1.11 -14.24 1.28
C SER A 131 -1.12 -14.76 2.71
N ALA A 132 -1.09 -13.83 3.66
CA ALA A 132 -1.15 -14.17 5.07
C ALA A 132 -1.63 -12.92 5.77
N SER A 133 -2.15 -13.08 6.97
CA SER A 133 -2.65 -11.93 7.71
C SER A 133 -1.49 -11.14 8.33
N GLN A 134 -0.33 -11.77 8.42
CA GLN A 134 0.84 -11.15 9.04
C GLN A 134 2.09 -11.85 8.55
N PHE A 135 3.25 -11.35 8.99
CA PHE A 135 4.52 -11.96 8.63
C PHE A 135 4.56 -13.44 8.99
N VAL A 136 5.05 -14.26 8.06
CA VAL A 136 5.27 -15.67 8.33
C VAL A 136 6.64 -16.07 7.80
N GLU A 137 7.19 -17.13 8.35
CA GLU A 137 8.45 -17.64 7.84
C GLU A 137 8.19 -18.19 6.45
N TRP A 138 8.98 -17.75 5.48
CA TRP A 138 8.69 -18.04 4.08
C TRP A 138 9.98 -18.27 3.33
N ASP A 139 10.12 -19.44 2.73
CA ASP A 139 11.37 -19.76 2.06
C ASP A 139 11.34 -19.53 0.55
N GLN A 140 10.30 -18.86 0.05
CA GLN A 140 10.26 -18.55 -1.38
C GLN A 140 10.62 -17.10 -1.67
N VAL A 141 11.19 -16.43 -0.67
CA VAL A 141 11.96 -15.21 -0.88
C VAL A 141 13.37 -15.50 -0.38
N THR A 142 14.35 -14.76 -0.89
CA THR A 142 15.74 -15.02 -0.53
C THR A 142 16.44 -13.78 -0.02
N ALA A 143 17.56 -14.00 0.69
CA ALA A 143 18.39 -12.92 1.20
C ALA A 143 19.84 -13.26 0.98
N TYR A 144 20.62 -12.23 0.63
CA TYR A 144 22.05 -12.36 0.36
C TYR A 144 22.80 -11.31 1.16
N LEU A 145 23.96 -11.70 1.69
CA LEU A 145 24.82 -10.75 2.39
C LEU A 145 26.13 -10.70 1.64
N ASN A 146 26.45 -9.53 1.09
CA ASN A 146 27.60 -9.37 0.21
C ASN A 146 27.58 -10.39 -0.93
N GLY A 147 26.37 -10.67 -1.44
CA GLY A 147 26.20 -11.57 -2.57
C GLY A 147 26.19 -13.04 -2.20
N VAL A 148 26.34 -13.34 -0.90
CA VAL A 148 26.35 -14.72 -0.41
C VAL A 148 24.99 -15.04 0.21
N LEU A 149 24.36 -16.11 -0.27
N LEU A 149 24.37 -16.12 -0.26
CA LEU A 149 23.03 -16.47 0.20
CA LEU A 149 23.03 -16.47 0.20
C LEU A 149 23.04 -16.73 1.71
C LEU A 149 22.99 -16.79 1.71
N VAL A 150 22.09 -16.11 2.42
CA VAL A 150 21.93 -16.31 3.85
C VAL A 150 20.50 -16.72 4.23
N TRP A 151 19.58 -16.67 3.28
CA TRP A 151 18.22 -17.18 3.48
C TRP A 151 17.69 -17.71 2.17
N GLY A 152 17.26 -18.97 2.15
CA GLY A 152 16.71 -19.55 0.94
C GLY A 152 17.26 -20.93 0.62
N ASN B 1 -24.89 13.48 -11.22
N ASN B 1 -25.60 12.32 -9.45
CA ASN B 1 -24.43 12.92 -9.96
CA ASN B 1 -24.41 12.86 -10.10
C ASN B 1 -23.26 11.95 -10.11
C ASN B 1 -23.32 11.82 -10.23
N LEU B 2 -23.19 10.97 -9.22
CA LEU B 2 -22.06 10.06 -9.20
C LEU B 2 -22.39 8.72 -8.57
N LYS B 3 -21.51 7.75 -8.82
CA LYS B 3 -21.55 6.44 -8.18
C LYS B 3 -20.18 6.24 -7.53
N VAL B 4 -20.17 5.59 -6.38
CA VAL B 4 -18.91 5.31 -5.70
C VAL B 4 -18.72 3.82 -5.53
N GLU B 5 -17.58 3.32 -6.03
CA GLU B 5 -17.17 1.94 -5.79
C GLU B 5 -15.90 1.97 -4.96
N PHE B 6 -15.64 0.89 -4.23
CA PHE B 6 -14.66 0.97 -3.18
C PHE B 6 -14.16 -0.42 -2.78
N TYR B 7 -12.92 -0.49 -2.31
CA TYR B 7 -12.46 -1.63 -1.51
C TYR B 7 -11.21 -1.23 -0.72
N ASN B 8 -10.91 -2.00 0.32
CA ASN B 8 -9.62 -1.90 1.00
C ASN B 8 -8.66 -2.91 0.41
N SER B 9 -7.49 -2.47 -0.01
CA SER B 9 -6.59 -3.40 -0.71
C SER B 9 -5.93 -4.39 0.24
N ASN B 10 -5.72 -3.98 1.49
CA ASN B 10 -5.13 -4.87 2.48
C ASN B 10 -6.14 -5.21 3.56
N PRO B 11 -6.57 -6.48 3.61
CA PRO B 11 -7.69 -6.80 4.49
C PRO B 11 -7.32 -7.32 5.87
N SER B 12 -6.05 -7.35 6.23
CA SER B 12 -5.65 -7.89 7.52
C SER B 12 -6.31 -7.11 8.65
N ASP B 13 -6.78 -7.82 9.67
CA ASP B 13 -7.46 -7.15 10.75
C ASP B 13 -6.55 -6.15 11.46
N THR B 14 -5.32 -6.56 11.70
CA THR B 14 -4.36 -5.71 12.39
C THR B 14 -3.37 -5.19 11.37
N THR B 15 -3.22 -3.87 11.28
CA THR B 15 -2.35 -3.28 10.28
C THR B 15 -1.89 -1.88 10.71
N ASN B 16 -0.70 -1.48 10.30
CA ASN B 16 -0.26 -0.12 10.60
C ASN B 16 -0.61 0.87 9.48
N SER B 17 -1.27 0.38 8.44
N SER B 17 -1.29 0.37 8.45
CA SER B 17 -1.65 1.22 7.32
CA SER B 17 -1.63 1.18 7.28
C SER B 17 -3.00 0.79 6.76
C SER B 17 -2.97 0.79 6.70
N ILE B 18 -3.85 1.77 6.52
CA ILE B 18 -5.16 1.51 5.93
C ILE B 18 -5.11 2.05 4.51
N ASN B 19 -5.63 1.28 3.57
CA ASN B 19 -5.45 1.56 2.14
C ASN B 19 -6.77 1.62 1.41
N PRO B 20 -7.52 2.71 1.59
CA PRO B 20 -8.82 2.86 0.90
C PRO B 20 -8.63 3.10 -0.60
N GLN B 21 -9.35 2.34 -1.42
CA GLN B 21 -9.31 2.48 -2.87
C GLN B 21 -10.69 2.94 -3.33
N PHE B 22 -10.75 4.12 -3.95
CA PHE B 22 -12.01 4.67 -4.44
C PHE B 22 -12.05 4.70 -5.96
N LYS B 23 -13.25 4.44 -6.50
CA LYS B 23 -13.51 4.64 -7.92
C LYS B 23 -14.81 5.40 -8.03
N VAL B 24 -14.72 6.65 -8.46
CA VAL B 24 -15.90 7.50 -8.51
C VAL B 24 -16.26 7.78 -9.97
N THR B 25 -17.47 7.43 -10.37
CA THR B 25 -17.90 7.62 -11.75
C THR B 25 -18.91 8.75 -11.82
N ASN B 26 -18.73 9.64 -12.79
CA ASN B 26 -19.71 10.68 -13.05
C ASN B 26 -20.85 10.10 -13.86
N THR B 27 -21.97 9.85 -13.19
CA THR B 27 -23.14 9.26 -13.82
C THR B 27 -24.19 10.31 -14.16
N GLY B 28 -23.84 11.57 -13.98
CA GLY B 28 -24.75 12.65 -14.24
C GLY B 28 -24.54 13.32 -15.58
N SER B 29 -24.99 14.56 -15.67
CA SER B 29 -25.04 15.29 -16.94
C SER B 29 -24.17 16.53 -16.95
N SER B 30 -23.50 16.80 -15.83
CA SER B 30 -22.62 17.95 -15.74
C SER B 30 -21.24 17.49 -15.30
N ALA B 31 -20.20 18.12 -15.83
CA ALA B 31 -18.85 17.85 -15.38
C ALA B 31 -18.71 18.20 -13.90
N ILE B 32 -17.96 17.38 -13.17
CA ILE B 32 -17.69 17.59 -11.76
C ILE B 32 -16.32 18.22 -11.61
N ASP B 33 -16.28 19.34 -10.90
CA ASP B 33 -15.03 19.99 -10.52
C ASP B 33 -14.51 19.22 -9.30
N LEU B 34 -13.41 18.48 -9.48
CA LEU B 34 -12.91 17.67 -8.38
C LEU B 34 -12.52 18.50 -7.15
N SER B 35 -12.18 19.78 -7.35
CA SER B 35 -11.88 20.61 -6.19
C SER B 35 -13.10 20.80 -5.28
N LYS B 36 -14.30 20.45 -5.78
CA LYS B 36 -15.52 20.53 -4.98
C LYS B 36 -15.99 19.16 -4.47
N LEU B 37 -15.28 18.10 -4.83
CA LEU B 37 -15.68 16.76 -4.44
C LEU B 37 -14.94 16.34 -3.19
N THR B 38 -15.66 15.85 -2.19
CA THR B 38 -14.98 15.24 -1.05
C THR B 38 -15.54 13.86 -0.80
N LEU B 39 -14.70 12.99 -0.22
CA LEU B 39 -15.06 11.61 0.07
C LEU B 39 -14.72 11.36 1.53
N ARG B 40 -15.55 10.57 2.22
CA ARG B 40 -15.23 10.24 3.62
C ARG B 40 -15.16 8.75 3.87
N TYR B 41 -14.14 8.35 4.64
CA TYR B 41 -13.95 6.98 5.07
C TYR B 41 -14.00 6.98 6.60
N TYR B 42 -15.00 6.29 7.16
CA TYR B 42 -15.26 6.30 8.60
C TYR B 42 -14.65 5.09 9.28
N TYR B 43 -14.05 5.31 10.44
CA TYR B 43 -13.34 4.23 11.11
C TYR B 43 -13.14 4.55 12.59
N THR B 44 -12.58 3.60 13.33
CA THR B 44 -12.17 3.85 14.70
C THR B 44 -10.65 3.89 14.76
N VAL B 45 -10.11 4.94 15.35
CA VAL B 45 -8.68 5.18 15.35
C VAL B 45 -7.87 4.18 16.22
N ASP B 46 -8.51 3.55 17.20
CA ASP B 46 -7.87 2.56 18.08
C ASP B 46 -6.65 3.12 18.78
N GLY B 47 -6.86 4.26 19.44
CA GLY B 47 -5.80 4.97 20.13
C GLY B 47 -5.49 6.23 19.36
N GLN B 48 -5.92 7.36 19.91
CA GLN B 48 -5.76 8.63 19.21
C GLN B 48 -4.30 8.96 18.97
N LYS B 49 -3.99 9.41 17.76
CA LYS B 49 -2.64 9.82 17.39
C LYS B 49 -2.77 10.67 16.14
N ASP B 50 -1.88 11.63 15.95
CA ASP B 50 -1.81 12.32 14.68
C ASP B 50 -1.56 11.30 13.56
N GLN B 51 -2.17 11.56 12.40
CA GLN B 51 -2.12 10.65 11.27
C GLN B 51 -1.67 11.36 10.00
N THR B 52 -1.21 10.58 9.03
CA THR B 52 -0.76 11.11 7.75
C THR B 52 -1.41 10.32 6.62
N PHE B 53 -1.79 11.04 5.57
CA PHE B 53 -2.39 10.47 4.37
C PHE B 53 -1.41 10.61 3.21
N TRP B 54 -1.34 9.58 2.37
CA TRP B 54 -0.63 9.65 1.10
C TRP B 54 -1.55 9.15 0.01
N CYS B 55 -1.39 9.69 -1.18
CA CYS B 55 -1.99 9.09 -2.36
C CYS B 55 -0.92 8.39 -3.19
N ASP B 56 -1.02 7.07 -3.30
CA ASP B 56 -0.04 6.30 -4.07
C ASP B 56 -0.19 6.52 -5.58
N HIS B 57 -1.43 6.73 -6.01
CA HIS B 57 -1.75 6.85 -7.41
C HIS B 57 -3.19 7.32 -7.53
N ALA B 58 -3.44 8.27 -8.44
CA ALA B 58 -4.81 8.60 -8.81
C ALA B 58 -4.82 9.00 -10.28
N ALA B 59 -5.92 8.71 -10.95
CA ALA B 59 -6.04 9.04 -12.37
C ALA B 59 -7.48 9.28 -12.74
N ILE B 60 -7.69 10.17 -13.71
CA ILE B 60 -8.97 10.35 -14.36
C ILE B 60 -8.96 9.54 -15.65
N ILE B 61 -9.94 8.65 -15.76
CA ILE B 61 -10.04 7.74 -16.88
C ILE B 61 -11.28 8.07 -17.68
N GLY B 62 -11.10 8.33 -18.96
CA GLY B 62 -12.20 8.63 -19.85
C GLY B 62 -13.08 7.43 -20.14
N SER B 63 -14.26 7.69 -20.67
CA SER B 63 -15.19 6.65 -21.06
C SER B 63 -14.59 5.66 -22.06
N ASN B 64 -13.64 6.14 -22.87
CA ASN B 64 -12.98 5.28 -23.85
C ASN B 64 -11.52 4.97 -23.50
N GLY B 65 -11.16 5.20 -22.24
CA GLY B 65 -9.88 4.74 -21.74
C GLY B 65 -8.75 5.74 -21.72
N SER B 66 -9.04 7.00 -22.06
CA SER B 66 -8.03 8.06 -21.95
C SER B 66 -7.56 8.15 -20.52
N TYR B 67 -6.31 8.50 -20.35
CA TYR B 67 -5.67 8.46 -19.05
C TYR B 67 -5.02 9.79 -18.72
N ASN B 68 -5.34 10.32 -17.54
CA ASN B 68 -4.69 11.52 -17.03
C ASN B 68 -4.37 11.35 -15.55
N GLY B 69 -3.08 11.27 -15.22
CA GLY B 69 -2.67 11.08 -13.84
C GLY B 69 -2.87 12.34 -13.03
N ILE B 70 -3.42 12.19 -11.83
CA ILE B 70 -3.66 13.32 -10.94
C ILE B 70 -3.24 13.00 -9.50
N THR B 71 -2.28 12.10 -9.35
CA THR B 71 -1.85 11.64 -8.04
C THR B 71 -1.60 12.75 -7.03
N SER B 72 -0.92 13.82 -7.46
CA SER B 72 -0.54 14.89 -6.57
C SER B 72 -1.69 15.80 -6.19
N ASN B 73 -2.83 15.66 -6.86
CA ASN B 73 -3.99 16.49 -6.54
C ASN B 73 -4.69 16.06 -5.27
N VAL B 74 -4.42 14.84 -4.83
CA VAL B 74 -5.27 14.21 -3.82
C VAL B 74 -4.75 14.51 -2.43
N LYS B 75 -5.64 15.02 -1.57
CA LYS B 75 -5.29 15.44 -0.21
C LYS B 75 -6.15 14.71 0.80
N GLY B 76 -5.64 14.55 2.02
CA GLY B 76 -6.39 13.89 3.07
C GLY B 76 -6.34 14.69 4.36
N THR B 77 -7.47 14.70 5.07
CA THR B 77 -7.65 15.39 6.34
C THR B 77 -8.31 14.40 7.31
N PHE B 78 -7.91 14.43 8.58
CA PHE B 78 -8.50 13.53 9.57
C PHE B 78 -9.35 14.32 10.53
N VAL B 79 -10.57 13.83 10.75
CA VAL B 79 -11.56 14.56 11.53
C VAL B 79 -12.11 13.70 12.65
N LYS B 80 -12.06 14.23 13.88
CA LYS B 80 -12.66 13.57 15.02
C LYS B 80 -14.18 13.80 15.00
N MET B 81 -14.95 12.73 15.07
CA MET B 81 -16.40 12.85 15.00
C MET B 81 -17.00 13.31 16.33
N SER B 82 -17.90 14.29 16.28
N SER B 82 -17.89 14.29 16.29
CA SER B 82 -18.57 14.76 17.47
CA SER B 82 -18.55 14.74 17.50
C SER B 82 -19.49 13.69 18.06
C SER B 82 -19.52 13.72 18.05
N SER B 83 -20.11 12.91 17.17
CA SER B 83 -20.97 11.81 17.60
C SER B 83 -20.33 10.53 17.12
N SER B 84 -20.01 9.64 18.05
CA SER B 84 -19.26 8.44 17.70
C SER B 84 -20.05 7.18 17.98
N THR B 85 -19.64 6.10 17.32
CA THR B 85 -20.19 4.77 17.56
C THR B 85 -19.05 3.77 17.72
N ASN B 86 -19.39 2.52 18.00
CA ASN B 86 -18.37 1.50 18.12
C ASN B 86 -17.57 1.23 16.86
N ASN B 87 -18.04 1.69 15.69
CA ASN B 87 -17.25 1.53 14.48
C ASN B 87 -16.94 2.82 13.72
N ALA B 88 -17.22 3.95 14.34
CA ALA B 88 -16.87 5.23 13.72
C ALA B 88 -16.64 6.29 14.78
N ASP B 89 -15.38 6.67 14.97
CA ASP B 89 -15.07 7.83 15.82
C ASP B 89 -14.24 8.89 15.07
N THR B 90 -13.85 8.57 13.84
CA THR B 90 -12.94 9.40 13.06
C THR B 90 -13.33 9.22 11.59
N TYR B 91 -13.11 10.25 10.76
CA TYR B 91 -13.10 9.97 9.34
C TYR B 91 -11.92 10.61 8.63
N LEU B 92 -11.48 9.94 7.58
CA LEU B 92 -10.56 10.53 6.61
C LEU B 92 -11.41 11.22 5.55
N GLU B 93 -11.12 12.49 5.30
CA GLU B 93 -11.76 13.21 4.19
C GLU B 93 -10.74 13.33 3.08
N ILE B 94 -11.07 12.78 1.91
CA ILE B 94 -10.26 12.97 0.72
C ILE B 94 -10.81 14.17 -0.05
N SER B 95 -9.90 15.05 -0.46
CA SER B 95 -10.23 16.19 -1.28
C SER B 95 -9.24 16.32 -2.42
N PHE B 96 -9.47 17.28 -3.31
CA PHE B 96 -8.67 17.41 -4.53
C PHE B 96 -8.33 18.86 -4.78
N THR B 97 -7.12 19.11 -5.30
CA THR B 97 -6.70 20.46 -5.59
C THR B 97 -7.34 20.99 -6.88
N GLY B 98 -7.75 20.08 -7.75
CA GLY B 98 -8.28 20.43 -9.04
C GLY B 98 -8.50 19.20 -9.90
N GLY B 99 -8.74 19.41 -11.19
CA GLY B 99 -9.10 18.33 -12.09
C GLY B 99 -10.59 18.38 -12.37
N THR B 100 -10.99 17.85 -13.53
CA THR B 100 -12.40 17.87 -13.91
C THR B 100 -12.81 16.48 -14.36
N LEU B 101 -13.95 16.03 -13.87
CA LEU B 101 -14.45 14.71 -14.20
C LEU B 101 -15.70 14.87 -15.08
N GLU B 102 -15.55 14.68 -16.38
CA GLU B 102 -16.67 14.86 -17.29
C GLU B 102 -17.69 13.73 -17.15
N PRO B 103 -18.93 13.95 -17.60
CA PRO B 103 -19.93 12.88 -17.57
C PRO B 103 -19.39 11.64 -18.27
N GLY B 104 -19.57 10.48 -17.63
CA GLY B 104 -19.11 9.22 -18.20
C GLY B 104 -17.70 8.82 -17.81
N ALA B 105 -16.92 9.76 -17.28
CA ALA B 105 -15.56 9.46 -16.84
C ALA B 105 -15.54 8.96 -15.40
N HIS B 106 -14.44 8.34 -14.99
CA HIS B 106 -14.26 8.00 -13.59
C HIS B 106 -12.90 8.41 -13.07
N VAL B 107 -12.81 8.59 -11.77
CA VAL B 107 -11.52 8.87 -11.14
C VAL B 107 -11.23 7.74 -10.16
N GLN B 108 -10.01 7.23 -10.20
N GLN B 108 -10.01 7.24 -10.20
CA GLN B 108 -9.61 6.18 -9.27
CA GLN B 108 -9.55 6.19 -9.31
C GLN B 108 -8.54 6.75 -8.35
C GLN B 108 -8.54 6.77 -8.34
N ILE B 109 -8.68 6.45 -7.06
CA ILE B 109 -7.78 6.98 -6.04
C ILE B 109 -7.28 5.84 -5.16
N GLN B 110 -5.96 5.67 -5.10
CA GLN B 110 -5.35 4.65 -4.27
C GLN B 110 -4.76 5.38 -3.07
N GLY B 111 -5.50 5.36 -1.95
CA GLY B 111 -5.12 6.12 -0.78
C GLY B 111 -4.47 5.25 0.29
N ARG B 112 -3.81 5.90 1.24
CA ARG B 112 -3.10 5.19 2.28
C ARG B 112 -2.93 6.10 3.48
N PHE B 113 -3.13 5.57 4.67
CA PHE B 113 -2.89 6.38 5.86
C PHE B 113 -2.41 5.57 7.03
N ALA B 114 -1.74 6.27 7.94
CA ALA B 114 -1.08 5.64 9.08
C ALA B 114 -1.03 6.62 10.24
N LYS B 115 -0.85 6.08 11.45
CA LYS B 115 -0.58 6.92 12.61
C LYS B 115 0.89 7.31 12.58
N ASN B 116 1.19 8.47 13.16
CA ASN B 116 2.54 9.02 13.04
C ASN B 116 3.60 8.26 13.82
N ASP B 117 3.17 7.38 14.73
CA ASP B 117 4.09 6.49 15.43
C ASP B 117 4.05 5.07 14.85
N TRP B 118 3.34 4.90 13.74
CA TRP B 118 3.22 3.61 13.06
C TRP B 118 2.59 2.54 13.95
N SER B 119 1.81 2.95 14.93
CA SER B 119 1.10 1.99 15.77
C SER B 119 -0.05 1.38 14.98
N ASN B 120 -0.51 0.22 15.43
CA ASN B 120 -1.50 -0.53 14.70
C ASN B 120 -2.92 -0.02 14.81
N TYR B 121 -3.69 -0.33 13.77
CA TYR B 121 -5.14 -0.19 13.75
C TYR B 121 -5.77 -1.59 13.76
N THR B 122 -7.05 -1.63 14.09
CA THR B 122 -7.90 -2.80 13.94
C THR B 122 -8.94 -2.45 12.87
N GLN B 123 -9.05 -3.26 11.82
CA GLN B 123 -9.98 -2.90 10.73
C GLN B 123 -11.39 -3.46 10.94
N SER B 124 -11.54 -4.46 11.82
CA SER B 124 -12.83 -5.12 12.03
C SER B 124 -13.85 -4.25 12.75
N ASN B 125 -13.41 -3.10 13.27
CA ASN B 125 -14.33 -2.18 13.94
C ASN B 125 -14.38 -0.84 13.22
N ASP B 126 -14.29 -0.89 11.88
CA ASP B 126 -14.31 0.30 11.04
C ASP B 126 -15.51 0.27 10.11
N TYR B 127 -16.41 1.23 10.28
CA TYR B 127 -17.64 1.34 9.50
C TYR B 127 -17.43 1.19 7.99
N SER B 128 -16.42 1.88 7.45
CA SER B 128 -16.26 1.94 6.00
C SER B 128 -15.47 0.78 5.40
N PHE B 129 -14.88 -0.05 6.25
CA PHE B 129 -13.99 -1.12 5.75
C PHE B 129 -14.74 -2.11 4.86
N LYS B 130 -14.13 -2.47 3.75
CA LYS B 130 -14.73 -3.41 2.79
C LYS B 130 -13.66 -4.33 2.25
N SER B 131 -13.71 -5.59 2.66
CA SER B 131 -12.81 -6.59 2.10
C SER B 131 -13.46 -7.07 0.82
N ALA B 132 -12.85 -6.72 -0.29
CA ALA B 132 -13.28 -7.22 -1.58
C ALA B 132 -12.01 -7.22 -2.39
N SER B 133 -11.96 -8.05 -3.41
CA SER B 133 -10.75 -8.16 -4.20
C SER B 133 -10.64 -7.03 -5.22
N GLN B 134 -11.77 -6.42 -5.56
CA GLN B 134 -11.80 -5.31 -6.52
C GLN B 134 -12.87 -4.31 -6.09
N PHE B 135 -12.96 -3.19 -6.79
CA PHE B 135 -13.97 -2.19 -6.47
C PHE B 135 -15.37 -2.80 -6.47
N VAL B 136 -16.15 -2.49 -5.43
CA VAL B 136 -17.56 -2.85 -5.41
C VAL B 136 -18.39 -1.61 -5.04
N GLU B 137 -19.62 -1.53 -5.54
CA GLU B 137 -20.47 -0.40 -5.16
C GLU B 137 -20.64 -0.44 -3.64
N TRP B 138 -20.51 0.72 -2.98
CA TRP B 138 -20.38 0.72 -1.51
C TRP B 138 -20.96 2.00 -0.94
N ASP B 139 -22.04 1.87 -0.18
CA ASP B 139 -22.69 3.04 0.39
C ASP B 139 -22.27 3.35 1.83
N GLN B 140 -21.19 2.73 2.30
N GLN B 140 -21.20 2.72 2.30
CA GLN B 140 -20.69 3.00 3.64
CA GLN B 140 -20.67 3.00 3.65
C GLN B 140 -19.53 3.98 3.63
C GLN B 140 -19.42 3.87 3.60
N VAL B 141 -19.22 4.51 2.46
CA VAL B 141 -18.36 5.68 2.34
C VAL B 141 -19.28 6.77 1.78
N THR B 142 -19.00 8.03 2.07
CA THR B 142 -19.86 9.11 1.61
C THR B 142 -19.13 10.04 0.63
N ALA B 143 -19.91 10.77 -0.17
CA ALA B 143 -19.35 11.76 -1.09
C ALA B 143 -20.20 13.01 -1.08
N TYR B 144 -19.55 14.15 -1.32
CA TYR B 144 -20.19 15.46 -1.23
C TYR B 144 -19.72 16.30 -2.40
N LEU B 145 -20.62 17.16 -2.88
CA LEU B 145 -20.27 18.20 -3.87
C LEU B 145 -20.53 19.55 -3.24
N ASN B 146 -19.48 20.36 -3.11
CA ASN B 146 -19.56 21.66 -2.44
C ASN B 146 -20.10 21.56 -1.02
N GLY B 147 -19.99 20.38 -0.41
CA GLY B 147 -20.54 20.17 0.92
C GLY B 147 -21.94 19.54 0.97
N VAL B 148 -22.56 19.36 -0.20
CA VAL B 148 -23.86 18.71 -0.30
C VAL B 148 -23.69 17.19 -0.40
N LEU B 149 -24.37 16.44 0.46
CA LEU B 149 -24.24 14.98 0.44
C LEU B 149 -24.87 14.41 -0.82
N VAL B 150 -24.10 13.65 -1.60
CA VAL B 150 -24.62 13.06 -2.84
C VAL B 150 -24.48 11.53 -2.90
N TRP B 151 -23.81 10.94 -1.92
CA TRP B 151 -23.64 9.49 -1.89
C TRP B 151 -23.47 9.05 -0.45
N GLY B 152 -24.19 8.00 -0.06
CA GLY B 152 -23.99 7.40 1.25
C GLY B 152 -24.82 8.02 2.36
CA CA C . 2.55 -12.38 -12.41
S SO4 D . 9.24 8.02 10.35
O1 SO4 D . 10.15 6.87 10.25
O2 SO4 D . 8.12 7.83 9.44
O3 SO4 D . 8.74 8.10 11.72
O4 SO4 D . 9.94 9.26 10.00
CA CA E . -10.38 0.57 14.03
S SO4 F . -15.41 23.99 -1.44
O1 SO4 F . -14.34 23.09 -1.86
O2 SO4 F . -16.72 23.33 -1.48
O3 SO4 F . -15.15 24.49 -0.08
O4 SO4 F . -15.46 25.17 -2.31
S SO4 G . -0.45 12.88 19.25
O1 SO4 G . -0.01 12.53 17.90
O2 SO4 G . -1.86 12.53 19.42
O3 SO4 G . 0.36 12.14 20.23
O4 SO4 G . -0.26 14.32 19.46
S SO4 H . -11.97 9.26 -23.78
O1 SO4 H . -11.33 8.03 -23.37
O2 SO4 H . -11.67 9.53 -25.18
O3 SO4 H . -13.43 9.09 -23.64
O4 SO4 H . -11.56 10.40 -22.95
#